data_6JPE
#
_entry.id   6JPE
#
_cell.length_a   42.502
_cell.length_b   61.126
_cell.length_c   61.412
_cell.angle_alpha   90.00
_cell.angle_beta   99.10
_cell.angle_gamma   90.00
#
_symmetry.space_group_name_H-M   'P 1 21 1'
#
loop_
_entity.id
_entity.type
_entity.pdbx_description
1 polymer 'Fibroblast growth factor receptor 4'
2 non-polymer N-[2-[[6-[2-[[2,6-bis(chloranyl)-3,5-dimethoxy-phenyl]amino]pyridin-3-yl]pyrimidin-4-yl]amino]-3-methyl-phenyl]prop-2-enamide
3 non-polymer 'SULFATE ION'
4 water water
#
_entity_poly.entity_id   1
_entity_poly.type   'polypeptide(L)'
_entity_poly.pdbx_seq_one_letter_code
;GPLLAGLVSLDLPLDPLWEFPRDRLVLGKPLGEGAFGQVVRAEAFGMDPARPDQASTVAVKMLKDNASDKDLADLVSEME
VMKLIGRHKNIINLLGVCTQEGPLYVIVECAAKGNLREFLRARRPPGPDLSPDGPRSSEGPLSFPVLVSCAYQVARGMQY
LESRKCIHRDLAARNVLVTEDNVMKIADFGLARGVHHIDYYKKTSNGRLPVKWMAPEALFDEVYTHQSDVWSFGILLWEI
FTLGGSPYPGIPVEELFSLLREGHRMDRPPHCPPELYGLMRECWHAAPSQRPTFKQLVEALDKVLLAVSEE
;
_entity_poly.pdbx_strand_id   A
#
# COMPACT_ATOMS: atom_id res chain seq x y z
N LEU A 10 0.32 4.24 -31.51
CA LEU A 10 -1.05 4.35 -31.04
C LEU A 10 -1.60 5.73 -31.43
N ASP A 11 -2.90 5.93 -31.23
CA ASP A 11 -3.53 7.23 -31.45
C ASP A 11 -4.00 7.83 -30.14
N LEU A 12 -3.22 7.65 -29.08
CA LEU A 12 -3.58 8.25 -27.80
C LEU A 12 -3.38 9.76 -27.85
N PRO A 13 -4.23 10.53 -27.19
CA PRO A 13 -4.07 11.98 -27.21
C PRO A 13 -2.83 12.40 -26.44
N LEU A 14 -2.22 13.47 -26.91
CA LEU A 14 -1.04 14.01 -26.25
C LEU A 14 -1.49 14.93 -25.11
N ASP A 15 -0.93 14.72 -23.93
CA ASP A 15 -1.19 15.56 -22.76
C ASP A 15 0.14 16.19 -22.37
N PRO A 16 0.40 17.43 -22.80
CA PRO A 16 1.74 17.99 -22.56
C PRO A 16 2.06 18.18 -21.10
N LEU A 17 1.04 18.22 -20.23
CA LEU A 17 1.32 18.34 -18.81
C LEU A 17 2.14 17.16 -18.30
N TRP A 18 1.97 15.98 -18.91
CA TRP A 18 2.54 14.77 -18.36
C TRP A 18 3.51 14.03 -19.27
N GLU A 19 3.54 14.35 -20.56
CA GLU A 19 4.32 13.58 -21.50
C GLU A 19 5.81 13.71 -21.20
N PHE A 20 6.55 12.60 -21.30
CA PHE A 20 7.99 12.53 -21.06
C PHE A 20 8.65 11.81 -22.22
N PRO A 21 9.80 12.29 -22.75
CA PRO A 21 10.39 11.60 -23.91
C PRO A 21 10.90 10.22 -23.52
N ARG A 22 10.46 9.19 -24.28
CA ARG A 22 10.82 7.83 -23.88
C ARG A 22 12.32 7.58 -23.99
N ASP A 23 13.05 8.34 -24.79
CA ASP A 23 14.48 8.09 -24.89
C ASP A 23 15.23 8.63 -23.69
N ARG A 24 14.54 9.31 -22.77
CA ARG A 24 15.14 9.68 -21.49
C ARG A 24 14.93 8.60 -20.43
N LEU A 25 14.40 7.44 -20.81
CA LEU A 25 14.27 6.30 -19.91
C LEU A 25 15.24 5.23 -20.32
N VAL A 26 15.88 4.61 -19.33
CA VAL A 26 16.72 3.42 -19.54
C VAL A 26 16.06 2.32 -18.71
N LEU A 27 15.37 1.42 -19.38
CA LEU A 27 14.65 0.38 -18.67
C LEU A 27 15.57 -0.68 -18.11
N GLY A 28 15.27 -1.11 -16.92
CA GLY A 28 16.04 -2.10 -16.20
C GLY A 28 15.11 -3.07 -15.47
N LYS A 29 15.59 -3.63 -14.39
CA LYS A 29 15.08 -4.82 -13.75
C LYS A 29 13.58 -4.86 -13.55
N PRO A 30 12.96 -5.95 -13.93
CA PRO A 30 11.54 -6.11 -13.68
C PRO A 30 11.21 -6.07 -12.19
N LEU A 31 10.12 -5.38 -11.89
CA LEU A 31 9.59 -5.27 -10.53
C LEU A 31 8.30 -6.06 -10.34
N GLY A 32 7.56 -6.28 -11.41
CA GLY A 32 6.36 -7.08 -11.34
C GLY A 32 5.95 -7.46 -12.73
N GLU A 33 5.26 -8.59 -12.88
CA GLU A 33 4.83 -9.03 -14.21
C GLU A 33 3.54 -9.83 -14.05
N GLY A 34 2.65 -9.70 -15.02
CA GLY A 34 1.39 -10.42 -15.01
C GLY A 34 1.18 -11.21 -16.28
N GLY A 37 1.14 -7.59 -19.16
CA GLY A 37 1.83 -6.38 -18.74
C GLY A 37 2.94 -6.55 -17.71
N GLN A 38 3.64 -5.47 -17.39
CA GLN A 38 4.77 -5.59 -16.47
C GLN A 38 5.16 -4.21 -15.97
N VAL A 39 5.89 -4.22 -14.86
CA VAL A 39 6.47 -3.01 -14.29
C VAL A 39 7.98 -3.21 -14.21
N VAL A 40 8.73 -2.22 -14.66
CA VAL A 40 10.19 -2.36 -14.60
C VAL A 40 10.77 -1.17 -13.87
N ARG A 41 11.89 -1.41 -13.20
CA ARG A 41 12.68 -0.31 -12.69
C ARG A 41 13.36 0.39 -13.86
N ALA A 42 13.51 1.71 -13.75
CA ALA A 42 14.21 2.42 -14.82
C ALA A 42 14.96 3.61 -14.27
N GLU A 43 15.96 4.06 -15.03
CA GLU A 43 16.59 5.36 -14.80
C GLU A 43 15.97 6.37 -15.76
N ALA A 44 15.62 7.53 -15.24
CA ALA A 44 15.05 8.61 -16.01
C ALA A 44 16.00 9.79 -15.97
N PHE A 45 16.19 10.45 -17.09
CA PHE A 45 17.06 11.62 -17.13
C PHE A 45 16.26 12.88 -17.36
N GLY A 46 16.36 13.83 -16.42
CA GLY A 46 15.64 15.07 -16.59
C GLY A 46 14.17 15.00 -16.27
N MET A 47 13.77 14.13 -15.34
CA MET A 47 12.36 14.15 -14.93
C MET A 47 11.95 15.55 -14.46
N ASP A 48 12.86 16.21 -13.75
CA ASP A 48 12.76 17.65 -13.50
C ASP A 48 13.38 18.42 -14.67
N PRO A 49 12.59 19.16 -15.47
CA PRO A 49 13.16 19.84 -16.64
C PRO A 49 14.18 20.91 -16.28
N ALA A 50 14.18 21.39 -15.02
CA ALA A 50 15.21 22.31 -14.57
C ALA A 50 16.57 21.65 -14.43
N ARG A 51 16.62 20.32 -14.36
CA ARG A 51 17.85 19.54 -14.21
C ARG A 51 17.83 18.47 -15.28
N PRO A 52 18.01 18.86 -16.55
CA PRO A 52 17.72 17.94 -17.67
C PRO A 52 18.64 16.75 -17.76
N ASP A 53 19.82 16.77 -17.15
CA ASP A 53 20.74 15.64 -17.20
C ASP A 53 20.82 14.86 -15.89
N GLN A 54 19.95 15.16 -14.93
CA GLN A 54 19.99 14.48 -13.65
C GLN A 54 19.24 13.16 -13.74
N ALA A 55 19.85 12.10 -13.20
CA ALA A 55 19.25 10.77 -13.16
C ALA A 55 18.37 10.62 -11.93
N SER A 56 17.27 9.89 -12.10
CA SER A 56 16.45 9.45 -10.99
C SER A 56 15.99 8.03 -11.29
N THR A 57 15.65 7.29 -10.23
CA THR A 57 15.13 5.94 -10.39
C THR A 57 13.61 5.95 -10.27
N VAL A 58 12.94 5.37 -11.26
CA VAL A 58 11.48 5.38 -11.39
C VAL A 58 10.99 3.97 -11.64
N ALA A 59 9.67 3.78 -11.48
CA ALA A 59 9.02 2.55 -11.89
C ALA A 59 8.14 2.81 -13.10
N VAL A 60 8.19 1.91 -14.09
CA VAL A 60 7.50 2.10 -15.36
C VAL A 60 6.55 0.94 -15.58
N LYS A 61 5.27 1.26 -15.73
CA LYS A 61 4.26 0.25 -16.07
C LYS A 61 3.99 0.25 -17.58
N MET A 62 3.87 -0.95 -18.14
CA MET A 62 3.69 -1.08 -19.58
C MET A 62 2.85 -2.34 -19.85
N LEU A 63 2.34 -2.44 -21.08
CA LEU A 63 1.68 -3.66 -21.54
C LEU A 63 2.69 -4.63 -22.12
N LYS A 64 2.31 -5.91 -22.14
CA LYS A 64 3.06 -6.93 -22.86
C LYS A 64 2.44 -7.17 -24.23
N ASP A 65 3.18 -7.92 -25.06
CA ASP A 65 2.77 -8.14 -26.44
C ASP A 65 1.39 -8.80 -26.53
N ASN A 66 1.00 -9.57 -25.52
CA ASN A 66 -0.29 -10.26 -25.54
C ASN A 66 -1.49 -9.32 -25.44
N ALA A 67 -1.28 -8.05 -25.09
CA ALA A 67 -2.34 -7.27 -24.47
C ALA A 67 -3.50 -6.99 -25.41
N SER A 68 -4.70 -7.09 -24.87
CA SER A 68 -5.93 -6.82 -25.60
C SER A 68 -6.21 -5.32 -25.67
N ASP A 69 -7.25 -4.96 -26.41
CA ASP A 69 -7.77 -3.60 -26.34
C ASP A 69 -8.28 -3.28 -24.95
N LYS A 70 -8.81 -4.28 -24.24
CA LYS A 70 -9.31 -4.03 -22.90
C LYS A 70 -8.16 -3.76 -21.93
N ASP A 71 -7.03 -4.46 -22.12
CA ASP A 71 -5.89 -4.21 -21.24
C ASP A 71 -5.34 -2.81 -21.47
N LEU A 72 -5.33 -2.36 -22.73
CA LEU A 72 -4.92 -0.99 -23.01
C LEU A 72 -5.86 0.01 -22.35
N ALA A 73 -7.18 -0.18 -22.52
CA ALA A 73 -8.13 0.71 -21.86
C ALA A 73 -7.93 0.73 -20.35
N ASP A 74 -7.61 -0.43 -19.74
CA ASP A 74 -7.41 -0.49 -18.31
C ASP A 74 -6.20 0.34 -17.88
N LEU A 75 -5.11 0.25 -18.63
CA LEU A 75 -3.91 1.02 -18.27
C LEU A 75 -4.13 2.51 -18.50
N VAL A 76 -4.84 2.88 -19.57
CA VAL A 76 -5.21 4.27 -19.80
C VAL A 76 -6.07 4.79 -18.65
N SER A 77 -7.08 4.01 -18.24
CA SER A 77 -7.90 4.40 -17.09
C SER A 77 -7.05 4.60 -15.83
N GLU A 78 -6.09 3.70 -15.58
CA GLU A 78 -5.25 3.83 -14.39
C GLU A 78 -4.40 5.10 -14.46
N MET A 79 -3.84 5.40 -15.64
CA MET A 79 -3.08 6.62 -15.85
C MET A 79 -3.93 7.86 -15.59
N GLU A 80 -5.16 7.88 -16.12
CA GLU A 80 -6.00 9.06 -15.98
C GLU A 80 -6.48 9.24 -14.55
N VAL A 81 -6.75 8.15 -13.83
CA VAL A 81 -7.13 8.31 -12.43
C VAL A 81 -5.97 8.87 -11.62
N MET A 82 -4.74 8.48 -11.95
CA MET A 82 -3.62 9.04 -11.18
C MET A 82 -3.44 10.51 -11.48
N LYS A 83 -3.68 10.93 -12.73
CA LYS A 83 -3.63 12.37 -13.01
C LYS A 83 -4.66 13.13 -12.18
N LEU A 84 -5.87 12.56 -12.05
CA LEU A 84 -6.97 13.23 -11.36
C LEU A 84 -6.73 13.33 -9.87
N ILE A 85 -6.18 12.27 -9.29
CA ILE A 85 -6.09 12.22 -7.82
C ILE A 85 -5.06 13.23 -7.32
N GLY A 86 -4.08 13.59 -8.14
CA GLY A 86 -3.11 14.56 -7.70
C GLY A 86 -2.06 13.98 -6.75
N ARG A 87 -1.16 14.86 -6.32
CA ARG A 87 0.06 14.45 -5.60
C ARG A 87 -0.09 14.57 -4.09
N HIS A 88 0.51 13.61 -3.36
CA HIS A 88 0.62 13.67 -1.91
C HIS A 88 1.90 12.95 -1.49
N LYS A 89 2.51 13.43 -0.41
CA LYS A 89 3.75 12.85 0.08
C LYS A 89 3.61 11.38 0.44
N ASN A 90 2.43 10.92 0.84
CA ASN A 90 2.32 9.55 1.32
C ASN A 90 1.57 8.64 0.35
N ILE A 91 1.64 8.94 -0.96
CA ILE A 91 1.17 8.01 -1.97
C ILE A 91 2.28 7.89 -3.01
N ILE A 92 2.26 6.82 -3.79
CA ILE A 92 3.16 6.67 -4.94
C ILE A 92 2.62 7.59 -6.04
N ASN A 93 3.42 8.59 -6.43
CA ASN A 93 2.91 9.63 -7.34
C ASN A 93 3.25 9.36 -8.80
N LEU A 94 2.35 9.83 -9.66
CA LEU A 94 2.61 9.85 -11.10
C LEU A 94 3.71 10.86 -11.40
N LEU A 95 4.68 10.46 -12.23
CA LEU A 95 5.74 11.37 -12.66
C LEU A 95 5.62 11.75 -14.12
N GLY A 96 5.19 10.84 -14.98
CA GLY A 96 5.11 11.16 -16.40
C GLY A 96 4.51 9.99 -17.12
N VAL A 97 4.28 10.21 -18.43
CA VAL A 97 3.73 9.18 -19.30
C VAL A 97 4.45 9.26 -20.64
N CYS A 98 4.48 8.14 -21.36
CA CYS A 98 4.97 8.11 -22.74
C CYS A 98 3.83 7.55 -23.56
N THR A 99 3.14 8.41 -24.29
CA THR A 99 1.98 7.98 -25.06
C THR A 99 2.16 8.10 -26.55
N GLN A 100 3.21 8.78 -27.02
CA GLN A 100 3.39 9.08 -28.43
C GLN A 100 4.54 8.28 -28.99
N GLU A 101 4.40 7.89 -30.24
CA GLU A 101 5.46 7.23 -30.96
C GLU A 101 6.11 6.07 -30.26
N GLY A 102 5.29 5.15 -29.84
CA GLY A 102 5.79 3.99 -29.16
C GLY A 102 4.79 3.46 -28.15
N PRO A 103 5.21 2.43 -27.41
CA PRO A 103 4.30 1.79 -26.44
C PRO A 103 3.94 2.72 -25.28
N LEU A 104 2.74 2.49 -24.74
CA LEU A 104 2.27 3.28 -23.59
C LEU A 104 3.07 2.93 -22.33
N TYR A 105 3.71 3.95 -21.73
CA TYR A 105 4.39 3.80 -20.46
C TYR A 105 3.78 4.76 -19.45
N VAL A 106 3.58 4.29 -18.22
CA VAL A 106 3.15 5.13 -17.11
C VAL A 106 4.27 5.10 -16.08
N ILE A 107 4.80 6.27 -15.71
CA ILE A 107 6.03 6.37 -14.92
C ILE A 107 5.66 6.92 -13.56
N VAL A 108 6.02 6.19 -12.49
CA VAL A 108 5.68 6.58 -11.12
C VAL A 108 6.93 6.57 -10.24
N GLU A 109 6.78 7.12 -9.04
CA GLU A 109 7.88 7.12 -8.09
C GLU A 109 8.29 5.70 -7.72
N CYS A 110 9.60 5.49 -7.50
CA CYS A 110 10.13 4.19 -7.12
C CYS A 110 10.63 4.28 -5.68
N ALA A 111 10.07 3.42 -4.80
CA ALA A 111 10.41 3.47 -3.37
C ALA A 111 11.56 2.51 -3.12
N ALA A 112 12.70 3.02 -2.62
CA ALA A 112 13.90 2.18 -2.63
C ALA A 112 13.82 0.98 -1.71
N LYS A 113 13.08 1.06 -0.60
CA LYS A 113 13.18 0.00 0.41
C LYS A 113 12.08 -1.05 0.30
N GLY A 114 11.29 -1.05 -0.78
CA GLY A 114 10.36 -2.14 -0.97
C GLY A 114 9.06 -1.93 -0.20
N ASN A 115 8.33 -3.05 0.00
CA ASN A 115 7.05 -2.87 0.66
C ASN A 115 7.19 -2.99 2.17
N LEU A 116 6.17 -2.46 2.87
CA LEU A 116 6.21 -2.32 4.32
C LEU A 116 6.18 -3.67 5.03
N ARG A 117 5.45 -4.66 4.48
CA ARG A 117 5.45 -5.97 5.14
C ARG A 117 6.85 -6.54 5.19
N GLU A 118 7.55 -6.55 4.05
CA GLU A 118 8.90 -7.09 4.02
C GLU A 118 9.88 -6.22 4.80
N PHE A 119 9.66 -4.91 4.79
CA PHE A 119 10.49 -4.00 5.58
C PHE A 119 10.42 -4.33 7.07
N LEU A 120 9.22 -4.55 7.58
CA LEU A 120 9.07 -4.90 8.98
C LEU A 120 9.64 -6.28 9.28
N ARG A 121 9.30 -7.29 8.45
CA ARG A 121 9.80 -8.64 8.75
C ARG A 121 11.32 -8.71 8.76
N ALA A 122 11.97 -7.92 7.90
CA ALA A 122 13.43 -7.94 7.83
C ALA A 122 14.07 -7.25 9.02
N ARG A 123 13.28 -6.49 9.79
CA ARG A 123 13.80 -5.75 10.92
C ARG A 123 13.29 -6.32 12.26
N ARG A 124 12.84 -7.56 12.26
CA ARG A 124 12.52 -8.22 13.51
C ARG A 124 13.79 -8.49 14.29
N PRO A 125 13.75 -8.35 15.62
CA PRO A 125 14.91 -8.71 16.42
C PRO A 125 15.16 -10.19 16.32
N PRO A 126 16.41 -10.62 16.35
CA PRO A 126 16.71 -12.04 16.23
C PRO A 126 16.19 -12.82 17.45
N GLY A 127 16.19 -14.14 17.31
CA GLY A 127 15.80 -15.03 18.39
C GLY A 127 16.70 -14.88 19.60
N PRO A 128 16.20 -15.26 20.79
CA PRO A 128 16.84 -14.82 22.04
C PRO A 128 18.16 -15.50 22.41
N ASP A 129 18.58 -16.58 21.72
CA ASP A 129 19.78 -17.33 22.12
C ASP A 129 20.72 -17.56 20.95
N LEU A 130 20.73 -16.60 20.01
CA LEU A 130 21.49 -16.76 18.78
C LEU A 130 22.96 -16.36 18.93
N SER A 131 23.24 -15.38 19.78
CA SER A 131 24.53 -14.71 19.83
C SER A 131 24.68 -14.10 21.21
N PRO A 132 25.90 -13.76 21.62
CA PRO A 132 26.07 -13.13 22.93
C PRO A 132 25.47 -11.73 22.93
N ASP A 133 25.19 -11.26 24.14
CA ASP A 133 24.69 -9.89 24.29
C ASP A 133 25.77 -8.88 23.89
N GLY A 134 25.31 -7.70 23.46
CA GLY A 134 26.20 -6.61 23.12
C GLY A 134 25.60 -5.26 23.51
N PRO A 135 26.29 -4.17 23.18
CA PRO A 135 25.86 -2.84 23.65
C PRO A 135 24.41 -2.47 23.36
N ARG A 136 23.85 -2.87 22.21
CA ARG A 136 22.46 -2.56 21.89
C ARG A 136 21.65 -3.81 21.59
N SER A 137 22.02 -4.94 22.19
CA SER A 137 21.31 -6.19 21.91
C SER A 137 19.84 -6.10 22.28
N SER A 138 19.47 -5.25 23.23
CA SER A 138 18.07 -5.11 23.59
C SER A 138 17.28 -4.23 22.62
N GLU A 139 17.95 -3.62 21.66
CA GLU A 139 17.31 -2.74 20.67
C GLU A 139 17.27 -3.45 19.33
N GLY A 140 16.06 -3.58 18.77
CA GLY A 140 15.92 -3.92 17.37
C GLY A 140 15.92 -2.65 16.54
N PRO A 141 15.94 -2.76 15.21
CA PRO A 141 15.90 -1.54 14.37
C PRO A 141 14.64 -0.71 14.57
N LEU A 142 13.51 -1.33 14.90
CA LEU A 142 12.24 -0.60 14.89
C LEU A 142 11.81 -0.25 16.32
N SER A 143 11.61 1.05 16.56
CA SER A 143 11.20 1.57 17.86
C SER A 143 9.71 1.88 17.82
N PHE A 144 9.08 1.95 19.00
CA PHE A 144 7.65 2.24 19.02
C PHE A 144 7.30 3.55 18.31
N PRO A 145 8.00 4.66 18.50
CA PRO A 145 7.57 5.89 17.82
C PRO A 145 7.70 5.80 16.32
N VAL A 146 8.67 5.02 15.81
CA VAL A 146 8.75 4.86 14.36
C VAL A 146 7.63 3.97 13.82
N LEU A 147 7.22 2.93 14.58
CA LEU A 147 6.04 2.14 14.18
C LEU A 147 4.77 3.02 14.15
N VAL A 148 4.57 3.85 15.18
CA VAL A 148 3.42 4.75 15.19
C VAL A 148 3.48 5.71 14.01
N SER A 149 4.68 6.20 13.71
CA SER A 149 4.83 7.14 12.59
C SER A 149 4.46 6.48 11.27
N CYS A 150 4.85 5.21 11.08
CA CYS A 150 4.43 4.47 9.87
C CYS A 150 2.91 4.47 9.76
N ALA A 151 2.22 4.18 10.88
CA ALA A 151 0.77 4.13 10.86
C ALA A 151 0.16 5.49 10.57
N TYR A 152 0.71 6.54 11.21
CA TYR A 152 0.28 7.91 10.99
C TYR A 152 0.40 8.30 9.52
N GLN A 153 1.56 7.99 8.92
CA GLN A 153 1.79 8.34 7.51
C GLN A 153 0.79 7.65 6.58
N VAL A 154 0.49 6.37 6.82
CA VAL A 154 -0.51 5.70 6.00
C VAL A 154 -1.88 6.34 6.21
N ALA A 155 -2.21 6.71 7.45
CA ALA A 155 -3.51 7.33 7.69
C ALA A 155 -3.61 8.67 6.96
N ARG A 156 -2.50 9.44 6.91
CA ARG A 156 -2.52 10.71 6.20
C ARG A 156 -2.69 10.51 4.70
N GLY A 157 -1.99 9.52 4.15
CA GLY A 157 -2.17 9.15 2.75
C GLY A 157 -3.60 8.75 2.43
N MET A 158 -4.21 7.93 3.31
CA MET A 158 -5.58 7.51 3.06
C MET A 158 -6.55 8.67 3.22
N GLN A 159 -6.31 9.56 4.19
CA GLN A 159 -7.15 10.75 4.31
C GLN A 159 -7.12 11.58 3.04
N TYR A 160 -5.92 11.74 2.44
CA TYR A 160 -5.84 12.45 1.17
C TYR A 160 -6.60 11.72 0.07
N LEU A 161 -6.38 10.40 -0.07
CA LEU A 161 -7.07 9.67 -1.11
C LEU A 161 -8.59 9.74 -0.93
N GLU A 162 -9.07 9.65 0.32
CA GLU A 162 -10.51 9.80 0.59
C GLU A 162 -11.04 11.16 0.13
N SER A 163 -10.24 12.22 0.33
CA SER A 163 -10.67 13.55 -0.08
C SER A 163 -10.78 13.68 -1.59
N ARG A 164 -10.12 12.78 -2.33
CA ARG A 164 -10.21 12.70 -3.77
C ARG A 164 -11.16 11.61 -4.23
N LYS A 165 -12.03 11.12 -3.34
CA LYS A 165 -13.07 10.13 -3.67
C LYS A 165 -12.47 8.80 -4.14
N CYS A 166 -11.30 8.45 -3.62
CA CYS A 166 -10.63 7.22 -3.98
C CYS A 166 -10.81 6.20 -2.85
N ILE A 167 -11.48 5.10 -3.15
CA ILE A 167 -11.53 3.94 -2.24
C ILE A 167 -10.46 2.97 -2.72
N HIS A 168 -9.57 2.56 -1.82
CA HIS A 168 -8.43 1.73 -2.22
C HIS A 168 -8.85 0.31 -2.55
N ARG A 169 -9.59 -0.34 -1.63
CA ARG A 169 -10.17 -1.67 -1.71
C ARG A 169 -9.20 -2.81 -1.45
N ASP A 170 -7.90 -2.59 -1.34
CA ASP A 170 -7.02 -3.65 -0.81
C ASP A 170 -5.95 -3.28 0.22
N LEU A 171 -6.22 -2.22 0.96
CA LEU A 171 -5.19 -1.60 1.78
C LEU A 171 -4.56 -2.66 2.70
N ALA A 172 -3.23 -2.75 2.71
CA ALA A 172 -2.49 -3.82 3.36
C ALA A 172 -1.04 -3.39 3.40
N ALA A 173 -0.28 -3.97 4.34
CA ALA A 173 1.14 -3.58 4.42
C ALA A 173 1.88 -3.88 3.12
N ARG A 174 1.48 -4.92 2.39
CA ARG A 174 2.17 -5.19 1.12
C ARG A 174 1.92 -4.09 0.09
N ASN A 175 0.87 -3.29 0.25
CA ASN A 175 0.53 -2.22 -0.67
C ASN A 175 0.93 -0.85 -0.11
N VAL A 176 1.85 -0.83 0.84
CA VAL A 176 2.49 0.39 1.30
C VAL A 176 3.98 0.21 1.03
N LEU A 177 4.59 1.18 0.34
CA LEU A 177 5.99 1.09 -0.02
C LEU A 177 6.79 2.06 0.83
N VAL A 178 8.08 1.79 0.98
CA VAL A 178 8.92 2.54 1.91
C VAL A 178 10.05 3.19 1.13
N THR A 179 10.23 4.51 1.31
CA THR A 179 11.30 5.18 0.57
C THR A 179 12.65 5.02 1.29
N GLU A 180 13.71 5.52 0.62
CA GLU A 180 15.03 5.56 1.23
C GLU A 180 15.04 6.25 2.58
N ASP A 181 14.15 7.22 2.78
CA ASP A 181 14.07 7.97 4.03
C ASP A 181 12.97 7.45 4.95
N ASN A 182 12.49 6.23 4.71
CA ASN A 182 11.46 5.60 5.56
C ASN A 182 10.13 6.36 5.51
N VAL A 183 9.82 6.98 4.38
CA VAL A 183 8.49 7.57 4.19
C VAL A 183 7.57 6.50 3.63
N MET A 184 6.36 6.43 4.16
CA MET A 184 5.36 5.48 3.67
C MET A 184 4.62 6.06 2.48
N LYS A 185 4.45 5.24 1.43
CA LYS A 185 3.72 5.66 0.24
C LYS A 185 2.74 4.57 -0.14
N ILE A 186 1.46 4.94 -0.17
CA ILE A 186 0.43 3.99 -0.56
C ILE A 186 0.55 3.67 -2.05
N ALA A 187 0.50 2.38 -2.35
CA ALA A 187 0.61 1.85 -3.70
C ALA A 187 -0.73 1.45 -4.25
N ASP A 188 -0.87 1.55 -5.57
CA ASP A 188 -1.93 0.87 -6.34
C ASP A 188 -3.32 1.32 -5.91
N PHE A 189 -3.46 2.60 -5.61
CA PHE A 189 -4.74 3.08 -5.13
C PHE A 189 -5.74 3.25 -6.25
N GLY A 190 -5.29 3.22 -7.50
CA GLY A 190 -6.16 3.37 -8.66
C GLY A 190 -6.16 2.14 -9.55
N LEU A 191 -5.70 1.01 -9.01
CA LEU A 191 -5.60 -0.24 -9.76
C LEU A 191 -6.96 -0.93 -9.84
N ALA A 192 -7.29 -1.44 -11.01
CA ALA A 192 -8.54 -2.17 -11.18
C ALA A 192 -8.48 -3.49 -10.40
N ARG A 193 -9.51 -3.76 -9.61
CA ARG A 193 -9.45 -4.86 -8.66
C ARG A 193 -10.47 -5.95 -8.93
N GLY A 194 -11.31 -5.79 -9.94
CA GLY A 194 -12.26 -6.84 -10.32
C GLY A 194 -13.07 -7.33 -9.14
N VAL A 195 -13.75 -6.41 -8.45
CA VAL A 195 -14.39 -6.75 -7.19
C VAL A 195 -15.54 -7.73 -7.36
N HIS A 196 -16.07 -7.90 -8.56
CA HIS A 196 -17.17 -8.83 -8.73
C HIS A 196 -16.69 -10.22 -9.09
N HIS A 197 -15.40 -10.45 -9.12
CA HIS A 197 -14.89 -11.78 -9.38
C HIS A 197 -13.67 -12.10 -8.54
N ILE A 198 -13.79 -11.93 -7.24
CA ILE A 198 -12.67 -12.25 -6.33
C ILE A 198 -12.74 -13.72 -5.96
N ASP A 199 -11.62 -14.42 -6.11
CA ASP A 199 -11.47 -15.77 -5.56
C ASP A 199 -11.09 -15.61 -4.09
N TYR A 200 -12.06 -15.82 -3.18
CA TYR A 200 -11.80 -15.57 -1.76
C TYR A 200 -10.79 -16.54 -1.19
N TYR A 201 -10.62 -17.69 -1.83
CA TYR A 201 -9.64 -18.68 -1.39
C TYR A 201 -8.26 -18.45 -1.97
N LYS A 202 -8.09 -17.38 -2.77
CA LYS A 202 -6.85 -17.13 -3.48
C LYS A 202 -5.70 -16.94 -2.50
N LYS A 203 -4.62 -17.68 -2.71
CA LYS A 203 -3.37 -17.44 -2.01
C LYS A 203 -2.34 -16.96 -3.02
N THR A 204 -1.65 -15.86 -2.69
CA THR A 204 -0.67 -15.28 -3.61
C THR A 204 0.62 -16.12 -3.65
N SER A 205 1.51 -15.77 -4.59
CA SER A 205 2.81 -16.42 -4.67
C SER A 205 3.60 -16.32 -3.38
N ASN A 206 3.42 -15.23 -2.62
CA ASN A 206 4.11 -15.03 -1.36
C ASN A 206 3.29 -15.49 -0.16
N GLY A 207 2.16 -16.16 -0.38
CA GLY A 207 1.41 -16.77 0.72
C GLY A 207 0.30 -15.94 1.31
N ARG A 208 -0.01 -14.79 0.72
CA ARG A 208 -1.01 -13.90 1.28
C ARG A 208 -2.40 -14.39 0.93
N LEU A 209 -3.34 -14.25 1.87
CA LEU A 209 -4.76 -14.52 1.64
C LEU A 209 -5.50 -13.18 1.69
N PRO A 210 -5.64 -12.48 0.56
CA PRO A 210 -6.14 -11.09 0.61
C PRO A 210 -7.54 -10.95 1.22
N VAL A 211 -8.32 -12.02 1.25
CA VAL A 211 -9.64 -11.94 1.90
C VAL A 211 -9.52 -11.52 3.35
N LYS A 212 -8.37 -11.77 3.99
CA LYS A 212 -8.23 -11.44 5.40
C LYS A 212 -8.12 -9.93 5.67
N TRP A 213 -8.09 -9.08 4.64
CA TRP A 213 -8.12 -7.64 4.82
C TRP A 213 -9.48 -7.04 4.46
N MET A 214 -10.47 -7.85 4.02
CA MET A 214 -11.74 -7.29 3.54
C MET A 214 -12.69 -6.99 4.68
N ALA A 215 -13.28 -5.80 4.66
CA ALA A 215 -14.36 -5.51 5.61
C ALA A 215 -15.51 -6.47 5.37
N PRO A 216 -16.27 -6.79 6.40
CA PRO A 216 -17.40 -7.74 6.21
C PRO A 216 -18.40 -7.27 5.19
N GLU A 217 -18.71 -5.96 5.11
CA GLU A 217 -19.70 -5.54 4.12
C GLU A 217 -19.17 -5.68 2.70
N ALA A 218 -17.86 -5.62 2.52
CA ALA A 218 -17.27 -5.88 1.20
C ALA A 218 -17.28 -7.38 0.87
N LEU A 219 -16.80 -8.21 1.81
CA LEU A 219 -16.79 -9.65 1.61
C LEU A 219 -18.19 -10.22 1.43
N PHE A 220 -19.10 -9.91 2.36
CA PHE A 220 -20.41 -10.56 2.30
C PHE A 220 -21.35 -9.85 1.34
N ASP A 221 -21.31 -8.52 1.26
CA ASP A 221 -22.35 -7.80 0.52
C ASP A 221 -21.83 -7.08 -0.72
N GLU A 222 -20.53 -7.18 -1.01
CA GLU A 222 -19.87 -6.50 -2.14
C GLU A 222 -20.07 -4.98 -2.09
N VAL A 223 -20.08 -4.43 -0.88
CA VAL A 223 -20.25 -3.00 -0.64
C VAL A 223 -18.90 -2.45 -0.19
N TYR A 224 -18.37 -1.44 -0.90
CA TYR A 224 -17.16 -0.74 -0.47
C TYR A 224 -17.46 0.73 -0.21
N THR A 225 -16.98 1.22 0.94
CA THR A 225 -16.98 2.66 1.22
C THR A 225 -15.62 3.02 1.80
N HIS A 226 -15.41 4.30 2.09
CA HIS A 226 -14.19 4.66 2.80
C HIS A 226 -14.09 3.96 4.16
N GLN A 227 -15.23 3.65 4.78
CA GLN A 227 -15.17 2.90 6.03
C GLN A 227 -14.78 1.44 5.85
N SER A 228 -14.96 0.86 4.64
CA SER A 228 -14.37 -0.45 4.36
C SER A 228 -12.84 -0.37 4.37
N ASP A 229 -12.29 0.73 3.87
CA ASP A 229 -10.84 0.91 3.93
C ASP A 229 -10.38 1.12 5.36
N VAL A 230 -11.22 1.70 6.25
CA VAL A 230 -10.82 1.86 7.64
C VAL A 230 -10.67 0.50 8.30
N TRP A 231 -11.58 -0.44 7.98
CA TRP A 231 -11.40 -1.83 8.45
C TRP A 231 -10.04 -2.35 8.04
N SER A 232 -9.72 -2.21 6.74
CA SER A 232 -8.44 -2.70 6.24
C SER A 232 -7.27 -2.01 6.96
N PHE A 233 -7.40 -0.71 7.24
CA PHE A 233 -6.36 0.00 7.98
C PHE A 233 -6.13 -0.61 9.34
N GLY A 234 -7.22 -1.06 10.01
CA GLY A 234 -7.06 -1.79 11.26
C GLY A 234 -6.24 -3.04 11.12
N ILE A 235 -6.48 -3.80 10.04
CA ILE A 235 -5.66 -4.98 9.78
C ILE A 235 -4.21 -4.57 9.58
N LEU A 236 -3.99 -3.50 8.83
CA LEU A 236 -2.63 -3.00 8.61
C LEU A 236 -1.98 -2.55 9.92
N LEU A 237 -2.73 -1.90 10.83
CA LEU A 237 -2.17 -1.56 12.13
C LEU A 237 -1.71 -2.81 12.86
N TRP A 238 -2.51 -3.87 12.80
CA TRP A 238 -2.10 -5.13 13.39
C TRP A 238 -0.83 -5.69 12.73
N GLU A 239 -0.72 -5.57 11.38
CA GLU A 239 0.51 -5.99 10.72
C GLU A 239 1.71 -5.17 11.20
N ILE A 240 1.54 -3.84 11.36
CA ILE A 240 2.66 -3.03 11.83
C ILE A 240 3.12 -3.49 13.21
N PHE A 241 2.16 -3.69 14.13
CA PHE A 241 2.59 -3.95 15.51
C PHE A 241 2.94 -5.41 15.77
N THR A 242 2.75 -6.31 14.78
CA THR A 242 3.36 -7.64 14.79
C THR A 242 4.61 -7.69 13.94
N LEU A 243 5.10 -6.54 13.47
CA LEU A 243 6.29 -6.44 12.62
C LEU A 243 6.14 -7.35 11.39
N GLY A 244 5.00 -7.20 10.71
CA GLY A 244 4.76 -7.94 9.50
C GLY A 244 4.14 -9.31 9.69
N GLY A 245 3.38 -9.51 10.77
CA GLY A 245 2.73 -10.79 10.95
C GLY A 245 1.58 -11.00 9.98
N SER A 246 1.22 -12.26 9.83
CA SER A 246 0.09 -12.60 8.96
C SER A 246 -1.21 -12.63 9.77
N PRO A 247 -2.24 -11.94 9.32
CA PRO A 247 -3.47 -11.85 10.13
C PRO A 247 -4.19 -13.19 10.22
N TYR A 248 -5.01 -13.28 11.26
CA TYR A 248 -5.75 -14.48 11.61
C TYR A 248 -4.84 -15.71 11.48
N PRO A 249 -3.76 -15.77 12.23
CA PRO A 249 -2.80 -16.88 12.08
C PRO A 249 -3.48 -18.24 12.34
N GLY A 250 -3.21 -19.18 11.45
CA GLY A 250 -3.75 -20.51 11.62
C GLY A 250 -5.21 -20.66 11.31
N ILE A 251 -5.82 -19.67 10.66
CA ILE A 251 -7.23 -19.74 10.33
C ILE A 251 -7.36 -19.84 8.81
N PRO A 252 -7.82 -20.97 8.28
CA PRO A 252 -8.06 -21.06 6.83
C PRO A 252 -9.29 -20.25 6.44
N VAL A 253 -9.42 -20.00 5.14
CA VAL A 253 -10.49 -19.11 4.65
C VAL A 253 -11.87 -19.65 5.03
N GLU A 254 -12.08 -20.98 4.95
CA GLU A 254 -13.38 -21.54 5.29
C GLU A 254 -13.77 -21.18 6.72
N GLU A 255 -12.81 -21.26 7.63
CA GLU A 255 -13.09 -20.92 9.02
C GLU A 255 -13.19 -19.41 9.21
N LEU A 256 -12.45 -18.64 8.41
CA LEU A 256 -12.58 -17.20 8.49
C LEU A 256 -14.01 -16.76 8.20
N PHE A 257 -14.66 -17.37 7.20
CA PHE A 257 -16.04 -16.99 6.93
C PHE A 257 -16.91 -17.19 8.15
N SER A 258 -16.78 -18.35 8.79
CA SER A 258 -17.58 -18.69 9.96
C SER A 258 -17.26 -17.75 11.12
N LEU A 259 -15.97 -17.49 11.36
CA LEU A 259 -15.62 -16.63 12.47
C LEU A 259 -16.11 -15.20 12.27
N LEU A 260 -16.04 -14.67 11.04
CA LEU A 260 -16.57 -13.32 10.82
C LEU A 260 -18.08 -13.27 11.03
N ARG A 261 -18.81 -14.31 10.63
CA ARG A 261 -20.24 -14.31 10.89
C ARG A 261 -20.54 -14.32 12.39
N GLU A 262 -19.62 -14.82 13.21
CA GLU A 262 -19.76 -14.83 14.67
C GLU A 262 -19.18 -13.59 15.34
N GLY A 263 -18.55 -12.67 14.59
CA GLY A 263 -17.99 -11.48 15.22
C GLY A 263 -16.60 -11.64 15.80
N HIS A 264 -15.89 -12.70 15.43
CA HIS A 264 -14.52 -12.94 15.89
C HIS A 264 -13.62 -11.77 15.51
N ARG A 265 -12.68 -11.44 16.41
CA ARG A 265 -11.65 -10.43 16.12
C ARG A 265 -10.29 -10.95 16.57
N MET A 266 -9.24 -10.45 15.92
CA MET A 266 -7.90 -10.85 16.34
C MET A 266 -7.58 -10.40 17.76
N ASP A 267 -6.75 -11.21 18.42
CA ASP A 267 -6.22 -10.89 19.75
C ASP A 267 -5.24 -9.71 19.72
N ARG A 268 -5.07 -9.10 20.90
CA ARG A 268 -4.05 -8.08 21.11
C ARG A 268 -2.67 -8.69 20.90
N PRO A 269 -1.85 -8.15 20.00
CA PRO A 269 -0.49 -8.67 19.77
C PRO A 269 0.42 -8.40 20.97
N PRO A 270 1.51 -9.17 21.09
CA PRO A 270 2.49 -8.86 22.13
C PRO A 270 3.14 -7.51 21.90
N HIS A 271 3.57 -6.87 22.99
CA HIS A 271 4.33 -5.62 22.91
C HIS A 271 3.53 -4.58 22.13
N CYS A 272 2.26 -4.47 22.48
CA CYS A 272 1.40 -3.54 21.78
C CYS A 272 0.58 -2.82 22.85
N PRO A 273 0.71 -1.50 22.98
CA PRO A 273 -0.02 -0.80 24.04
C PRO A 273 -1.52 -0.82 23.81
N PRO A 274 -2.31 -0.69 24.86
CA PRO A 274 -3.77 -0.73 24.69
C PRO A 274 -4.31 0.40 23.83
N GLU A 275 -3.63 1.55 23.79
CA GLU A 275 -4.03 2.62 22.88
C GLU A 275 -4.11 2.11 21.44
N LEU A 276 -3.13 1.31 21.04
CA LEU A 276 -3.09 0.89 19.63
C LEU A 276 -4.01 -0.29 19.36
N TYR A 277 -4.09 -1.27 20.27
CA TYR A 277 -5.10 -2.31 20.08
C TYR A 277 -6.50 -1.74 20.18
N GLY A 278 -6.69 -0.74 21.04
CA GLY A 278 -7.95 0.01 21.04
C GLY A 278 -8.32 0.56 19.68
N LEU A 279 -7.38 1.23 19.02
CA LEU A 279 -7.66 1.74 17.66
C LEU A 279 -7.98 0.62 16.68
N MET A 280 -7.24 -0.51 16.74
CA MET A 280 -7.55 -1.65 15.89
C MET A 280 -8.98 -2.12 16.07
N ARG A 281 -9.38 -2.30 17.34
CA ARG A 281 -10.74 -2.79 17.55
C ARG A 281 -11.80 -1.78 17.12
N GLU A 282 -11.55 -0.47 17.26
CA GLU A 282 -12.50 0.49 16.71
C GLU A 282 -12.62 0.34 15.19
N CYS A 283 -11.49 0.10 14.53
CA CYS A 283 -11.53 -0.05 13.08
C CYS A 283 -12.30 -1.27 12.65
N TRP A 284 -12.45 -2.27 13.54
CA TRP A 284 -13.19 -3.47 13.21
C TRP A 284 -14.56 -3.50 13.86
N HIS A 285 -15.10 -2.35 14.25
CA HIS A 285 -16.48 -2.38 14.72
C HIS A 285 -17.38 -2.83 13.58
N ALA A 286 -18.41 -3.60 13.92
CA ALA A 286 -19.26 -4.17 12.88
C ALA A 286 -19.92 -3.10 12.03
N ALA A 287 -20.52 -2.08 12.65
CA ALA A 287 -21.18 -1.03 11.91
C ALA A 287 -20.16 -0.06 11.33
N PRO A 288 -20.17 0.18 10.01
CA PRO A 288 -19.21 1.13 9.42
C PRO A 288 -19.21 2.51 10.06
N SER A 289 -20.40 3.01 10.46
CA SER A 289 -20.46 4.33 11.09
C SER A 289 -19.85 4.33 12.47
N GLN A 290 -19.62 3.15 13.07
CA GLN A 290 -19.01 3.10 14.40
C GLN A 290 -17.50 2.86 14.34
N ARG A 291 -16.93 2.83 13.17
CA ARG A 291 -15.48 2.88 12.97
C ARG A 291 -15.05 4.33 12.86
N PRO A 292 -13.81 4.61 13.26
CA PRO A 292 -13.29 5.97 13.08
C PRO A 292 -13.24 6.35 11.61
N THR A 293 -13.24 7.66 11.34
CA THR A 293 -12.86 8.10 10.00
C THR A 293 -11.35 8.20 9.89
N PHE A 294 -10.85 8.30 8.66
CA PHE A 294 -9.42 8.54 8.50
C PHE A 294 -9.00 9.85 9.16
N LYS A 295 -9.85 10.90 9.09
CA LYS A 295 -9.52 12.13 9.81
C LYS A 295 -9.34 11.87 11.30
N GLN A 296 -10.21 11.04 11.89
CA GLN A 296 -10.09 10.74 13.30
C GLN A 296 -8.85 9.90 13.59
N LEU A 297 -8.51 8.98 12.66
CA LEU A 297 -7.34 8.14 12.86
C LEU A 297 -6.07 8.97 12.83
N VAL A 298 -5.99 9.92 11.89
CA VAL A 298 -4.85 10.82 11.84
C VAL A 298 -4.72 11.56 13.15
N GLU A 299 -5.83 12.09 13.66
CA GLU A 299 -5.75 12.85 14.90
C GLU A 299 -5.36 11.97 16.08
N ALA A 300 -5.90 10.76 16.15
CA ALA A 300 -5.60 9.89 17.29
C ALA A 300 -4.15 9.46 17.27
N LEU A 301 -3.61 9.16 16.08
CA LEU A 301 -2.22 8.73 16.00
C LEU A 301 -1.28 9.89 16.22
N ASP A 302 -1.70 11.10 15.81
CA ASP A 302 -0.90 12.29 16.07
C ASP A 302 -0.74 12.50 17.57
N LYS A 303 -1.81 12.24 18.34
CA LYS A 303 -1.68 12.44 19.78
C LYS A 303 -0.71 11.43 20.39
N VAL A 304 -0.69 10.20 19.89
CA VAL A 304 0.27 9.21 20.37
C VAL A 304 1.69 9.67 20.04
N LEU A 305 1.91 10.17 18.83
CA LEU A 305 3.23 10.65 18.43
C LEU A 305 3.69 11.81 19.28
N LEU A 306 2.79 12.74 19.58
CA LEU A 306 3.17 13.89 20.39
C LEU A 306 3.45 13.51 21.84
N ALA A 307 2.95 12.36 22.30
CA ALA A 307 3.21 11.92 23.66
C ALA A 307 4.52 11.14 23.79
N VAL A 308 5.23 10.90 22.69
CA VAL A 308 6.55 10.29 22.81
C VAL A 308 7.45 11.16 23.70
N SER A 309 8.18 10.51 24.60
CA SER A 309 9.14 11.17 25.49
C SER A 309 10.35 11.71 24.72
#